data_3MUK
#
_entry.id   3MUK
#
_cell.length_a   35.213
_cell.length_b   47.008
_cell.length_c   78.101
_cell.angle_alpha   90.00
_cell.angle_beta   90.00
_cell.angle_gamma   90.00
#
_symmetry.space_group_name_H-M   'P 21 21 21'
#
loop_
_entity.id
_entity.type
_entity.pdbx_description
1 polymer 'Bromodomain-containing protein 4'
2 polymer 'peptide of Histone H3.3'
3 non-polymer 1,2-ETHANEDIOL
4 water water
#
loop_
_entity_poly.entity_id
_entity_poly.type
_entity_poly.pdbx_seq_one_letter_code
_entity_poly.pdbx_strand_id
1 'polypeptide(L)'
;GAMGSTNPPPPETSNPNKPKRQTNQLQYLLRVVLKTLWKHQFAWPFQQPVDAVKLNLPDYYKIIKTPMDMGTIKKRLENN
YYWNAQECIQDFNTMFTNCYIYNKPGDDIVLMAEALEKLFLQKINELPTEE
;
A
2 'polypeptide(L)' AT(PRK)AARKS D
#
# COMPACT_ATOMS: atom_id res chain seq x y z
N MET A 3 -7.76 26.57 -8.95
CA MET A 3 -6.80 26.00 -7.97
C MET A 3 -7.54 25.26 -6.82
N GLY A 4 -8.52 24.41 -7.18
CA GLY A 4 -9.02 23.38 -6.31
C GLY A 4 -7.91 22.31 -6.16
N SER A 5 -7.89 21.68 -5.00
CA SER A 5 -7.01 20.55 -4.77
C SER A 5 -7.28 19.44 -5.77
N THR A 6 -6.22 18.81 -6.26
CA THR A 6 -6.35 17.61 -7.07
C THR A 6 -5.43 16.54 -6.48
N ASN A 7 -5.65 15.32 -6.92
CA ASN A 7 -4.77 14.22 -6.58
C ASN A 7 -3.67 14.04 -7.67
N PRO A 8 -2.53 13.47 -7.33
CA PRO A 8 -1.53 13.21 -8.32
C PRO A 8 -1.94 11.99 -9.08
N PRO A 9 -1.30 11.72 -10.24
CA PRO A 9 -1.60 10.45 -10.90
C PRO A 9 -1.13 9.34 -9.99
N PRO A 10 -1.76 8.21 -10.03
CA PRO A 10 -1.37 7.12 -9.18
C PRO A 10 0.01 6.55 -9.58
N PRO A 11 0.63 5.75 -8.67
CA PRO A 11 1.85 5.05 -9.12
C PRO A 11 1.60 4.12 -10.32
N GLU A 12 2.61 3.89 -11.15
CA GLU A 12 2.36 3.05 -12.31
C GLU A 12 2.20 1.63 -11.90
N THR A 13 1.39 0.91 -12.64
CA THR A 13 1.20 -0.50 -12.41
C THR A 13 1.61 -1.37 -13.64
N SER A 14 2.10 -0.71 -14.69
CA SER A 14 2.49 -1.29 -15.97
CA SER A 14 2.61 -1.39 -15.86
C SER A 14 3.73 -0.54 -16.45
N ASN A 15 4.73 -1.24 -16.96
CA ASN A 15 5.82 -0.63 -17.59
C ASN A 15 6.48 -1.70 -18.44
N PRO A 16 6.12 -1.74 -19.73
CA PRO A 16 6.69 -2.78 -20.59
C PRO A 16 8.23 -2.78 -20.67
N ASN A 17 8.92 -1.68 -20.41
CA ASN A 17 10.36 -1.66 -20.43
C ASN A 17 11.02 -2.01 -19.12
N LYS A 18 10.26 -2.29 -18.09
CA LYS A 18 10.88 -2.65 -16.79
C LYS A 18 11.09 -4.20 -16.71
N PRO A 19 12.26 -4.62 -16.26
CA PRO A 19 12.41 -6.08 -16.14
C PRO A 19 11.43 -6.71 -15.14
N LYS A 20 10.87 -7.87 -15.48
CA LYS A 20 9.93 -8.53 -14.59
C LYS A 20 9.94 -10.04 -14.68
N ARG A 21 9.48 -10.65 -13.61
CA ARG A 21 9.41 -12.10 -13.48
C ARG A 21 8.11 -12.47 -12.75
N GLN A 22 7.67 -13.71 -12.91
CA GLN A 22 6.60 -14.26 -12.10
C GLN A 22 7.36 -15.37 -11.34
N THR A 23 7.70 -15.14 -10.08
CA THR A 23 8.41 -16.14 -9.26
C THR A 23 7.43 -16.79 -8.32
N ASN A 24 7.78 -17.97 -7.80
CA ASN A 24 6.99 -18.60 -6.78
C ASN A 24 6.63 -17.71 -5.60
N GLN A 25 7.59 -16.96 -5.14
CA GLN A 25 7.38 -16.05 -4.03
C GLN A 25 6.48 -14.88 -4.35
N LEU A 26 6.69 -14.30 -5.53
CA LEU A 26 5.73 -13.34 -6.05
C LEU A 26 4.34 -13.96 -6.21
N GLN A 27 4.23 -15.20 -6.64
CA GLN A 27 2.91 -15.76 -6.85
C GLN A 27 2.20 -15.91 -5.51
N TYR A 28 2.97 -16.21 -4.47
CA TYR A 28 2.50 -16.37 -3.10
C TYR A 28 2.05 -15.02 -2.54
N LEU A 29 2.87 -14.03 -2.72
CA LEU A 29 2.48 -12.65 -2.39
C LEU A 29 1.12 -12.25 -2.95
N LEU A 30 0.75 -12.69 -4.14
CA LEU A 30 -0.56 -12.37 -4.63
C LEU A 30 -1.61 -13.27 -3.99
N ARG A 31 -1.47 -14.57 -4.24
CA ARG A 31 -2.47 -15.58 -3.95
C ARG A 31 -2.72 -15.72 -2.46
N VAL A 32 -1.71 -15.62 -1.63
CA VAL A 32 -1.92 -15.86 -0.23
C VAL A 32 -1.98 -14.58 0.52
N VAL A 33 -0.93 -13.80 0.39
CA VAL A 33 -0.67 -12.70 1.28
C VAL A 33 -1.51 -11.46 0.99
N LEU A 34 -1.58 -11.06 -0.27
CA LEU A 34 -2.32 -9.86 -0.56
C LEU A 34 -3.81 -10.22 -0.47
N LYS A 35 -4.18 -11.40 -0.97
CA LYS A 35 -5.57 -11.78 -1.05
C LYS A 35 -6.17 -11.86 0.38
N THR A 36 -5.31 -12.23 1.32
CA THR A 36 -5.57 -12.33 2.75
C THR A 36 -5.78 -11.01 3.37
N LEU A 37 -4.76 -10.15 3.23
CA LEU A 37 -4.78 -8.79 3.77
C LEU A 37 -5.95 -7.93 3.23
N TRP A 38 -6.37 -8.26 2.02
CA TRP A 38 -7.30 -7.48 1.32
C TRP A 38 -8.66 -7.71 1.94
N LYS A 39 -8.85 -8.88 2.56
CA LYS A 39 -10.07 -9.25 3.22
C LYS A 39 -10.13 -8.83 4.69
N HIS A 40 -9.07 -8.31 5.25
CA HIS A 40 -9.11 -7.90 6.66
C HIS A 40 -10.12 -6.76 6.88
N GLN A 41 -10.72 -6.75 8.08
CA GLN A 41 -11.65 -5.67 8.52
C GLN A 41 -11.06 -4.25 8.44
N PHE A 42 -9.72 -4.11 8.48
CA PHE A 42 -9.03 -2.83 8.46
C PHE A 42 -8.33 -2.46 7.12
N ALA A 43 -8.56 -3.28 6.11
CA ALA A 43 -7.99 -3.09 4.78
C ALA A 43 -8.53 -1.92 3.99
N TRP A 44 -9.78 -1.53 4.20
CA TRP A 44 -10.49 -0.54 3.33
C TRP A 44 -9.77 0.81 3.09
N PRO A 45 -9.16 1.46 4.11
CA PRO A 45 -8.41 2.68 3.75
C PRO A 45 -7.26 2.49 2.82
N PHE A 46 -6.81 1.22 2.68
CA PHE A 46 -5.52 0.95 2.02
C PHE A 46 -5.70 0.26 0.68
N GLN A 47 -6.95 0.11 0.28
CA GLN A 47 -7.31 -0.59 -0.94
C GLN A 47 -7.28 0.26 -2.22
N GLN A 48 -6.81 1.52 -2.10
CA GLN A 48 -6.77 2.46 -3.21
C GLN A 48 -5.87 3.59 -2.81
N PRO A 49 -5.36 4.34 -3.80
CA PRO A 49 -4.62 5.51 -3.41
C PRO A 49 -5.42 6.43 -2.53
N VAL A 50 -4.71 7.10 -1.63
CA VAL A 50 -5.36 8.06 -0.78
C VAL A 50 -6.00 9.14 -1.68
N ASP A 51 -7.28 9.33 -1.57
CA ASP A 51 -8.00 10.40 -2.27
C ASP A 51 -8.07 11.65 -1.40
N ALA A 52 -7.05 12.49 -1.56
CA ALA A 52 -6.99 13.59 -0.70
C ALA A 52 -8.07 14.65 -0.96
N VAL A 53 -8.54 14.70 -2.17
CA VAL A 53 -9.72 15.51 -2.45
C VAL A 53 -10.97 14.97 -1.70
N LYS A 54 -11.39 13.75 -1.92
CA LYS A 54 -12.51 13.22 -1.16
C LYS A 54 -12.40 13.34 0.33
N LEU A 55 -11.22 13.06 0.87
CA LEU A 55 -11.04 12.98 2.33
C LEU A 55 -10.66 14.34 2.95
N ASN A 56 -10.55 15.35 2.11
CA ASN A 56 -10.29 16.71 2.50
CA ASN A 56 -10.31 16.73 2.52
C ASN A 56 -9.02 16.82 3.26
N LEU A 57 -7.97 16.24 2.64
CA LEU A 57 -6.58 16.24 3.17
C LEU A 57 -5.61 16.96 2.23
N PRO A 58 -5.76 18.32 2.14
CA PRO A 58 -5.06 19.00 1.10
C PRO A 58 -3.57 18.98 1.29
N ASP A 59 -3.11 18.60 2.48
CA ASP A 59 -1.73 18.58 2.84
C ASP A 59 -1.13 17.18 2.64
N TYR A 60 -1.93 16.18 2.28
CA TYR A 60 -1.42 14.79 2.27
C TYR A 60 -0.20 14.64 1.33
N TYR A 61 -0.35 15.16 0.11
CA TYR A 61 0.63 14.95 -0.93
C TYR A 61 1.68 16.07 -0.86
N LYS A 62 1.52 17.01 0.06
CA LYS A 62 2.62 17.88 0.47
C LYS A 62 3.64 17.16 1.34
N ILE A 63 3.16 16.23 2.16
CA ILE A 63 3.99 15.49 3.15
C ILE A 63 4.47 14.12 2.58
N ILE A 64 3.61 13.49 1.83
CA ILE A 64 3.80 12.11 1.27
C ILE A 64 4.15 12.20 -0.21
N LYS A 65 5.44 12.03 -0.46
CA LYS A 65 5.98 12.12 -1.82
C LYS A 65 6.27 10.81 -2.47
N THR A 66 6.08 9.66 -1.80
CA THR A 66 6.23 8.36 -2.38
C THR A 66 4.99 7.59 -2.01
N PRO A 67 3.87 7.96 -2.56
CA PRO A 67 2.69 7.23 -2.21
C PRO A 67 2.63 5.76 -2.60
N MET A 68 1.92 4.99 -1.77
CA MET A 68 1.66 3.52 -2.10
C MET A 68 0.48 3.02 -1.39
N ASP A 69 -0.27 2.10 -2.02
CA ASP A 69 -1.47 1.49 -1.49
C ASP A 69 -1.60 0.06 -2.02
N MET A 70 -2.52 -0.73 -1.46
CA MET A 70 -2.63 -2.11 -1.79
C MET A 70 -3.39 -2.30 -3.08
N GLY A 71 -4.22 -1.33 -3.48
CA GLY A 71 -4.75 -1.37 -4.84
C GLY A 71 -3.67 -1.33 -5.93
N THR A 72 -2.64 -0.47 -5.77
CA THR A 72 -1.53 -0.38 -6.70
C THR A 72 -0.68 -1.67 -6.65
N ILE A 73 -0.45 -2.17 -5.44
CA ILE A 73 0.23 -3.45 -5.23
C ILE A 73 -0.46 -4.59 -5.94
N LYS A 74 -1.74 -4.76 -5.69
CA LYS A 74 -2.52 -5.81 -6.35
C LYS A 74 -2.38 -5.75 -7.87
N LYS A 75 -2.61 -4.61 -8.47
CA LYS A 75 -2.43 -4.40 -9.91
C LYS A 75 -1.02 -4.75 -10.37
N ARG A 76 -0.05 -4.31 -9.61
CA ARG A 76 1.33 -4.65 -9.97
C ARG A 76 1.55 -6.16 -9.98
N LEU A 77 1.04 -6.88 -8.98
CA LEU A 77 1.25 -8.31 -8.89
C LEU A 77 0.46 -8.97 -10.05
N GLU A 78 -0.73 -8.45 -10.31
CA GLU A 78 -1.56 -9.05 -11.36
C GLU A 78 -0.92 -8.87 -12.76
N ASN A 79 -0.21 -7.75 -12.94
CA ASN A 79 0.45 -7.35 -14.15
C ASN A 79 1.88 -7.89 -14.29
N ASN A 80 2.32 -8.71 -13.31
CA ASN A 80 3.70 -9.18 -13.16
C ASN A 80 4.68 -8.02 -13.27
N TYR A 81 4.46 -6.98 -12.47
CA TYR A 81 5.26 -5.77 -12.62
C TYR A 81 6.64 -5.94 -11.97
N TYR A 82 6.74 -6.83 -11.00
CA TYR A 82 7.93 -6.92 -10.16
C TYR A 82 9.03 -7.87 -10.72
N TRP A 83 10.30 -7.57 -10.41
CA TRP A 83 11.40 -8.52 -10.65
C TRP A 83 11.50 -9.58 -9.54
N ASN A 84 11.35 -9.15 -8.28
CA ASN A 84 11.39 -10.11 -7.19
C ASN A 84 10.47 -9.70 -6.04
N ALA A 85 10.25 -10.66 -5.15
CA ALA A 85 9.35 -10.49 -4.01
C ALA A 85 9.80 -9.31 -3.14
N GLN A 86 11.10 -9.10 -3.03
CA GLN A 86 11.57 -7.99 -2.22
C GLN A 86 11.09 -6.61 -2.68
N GLU A 87 11.01 -6.40 -3.97
CA GLU A 87 10.44 -5.16 -4.52
C GLU A 87 9.02 -5.03 -4.10
N CYS A 88 8.29 -6.13 -4.03
CA CYS A 88 6.88 -6.04 -3.62
C CYS A 88 6.77 -5.72 -2.11
N ILE A 89 7.57 -6.40 -1.32
CA ILE A 89 7.61 -6.21 0.12
C ILE A 89 7.96 -4.75 0.44
N GLN A 90 8.87 -4.17 -0.35
CA GLN A 90 9.22 -2.75 -0.24
C GLN A 90 8.00 -1.84 -0.41
N ASP A 91 7.08 -2.16 -1.31
CA ASP A 91 5.94 -1.32 -1.53
C ASP A 91 5.01 -1.41 -0.31
N PHE A 92 4.79 -2.64 0.21
CA PHE A 92 4.06 -2.74 1.47
C PHE A 92 4.71 -1.86 2.54
N ASN A 93 6.01 -1.93 2.71
CA ASN A 93 6.64 -1.10 3.75
C ASN A 93 6.44 0.41 3.55
N THR A 94 6.56 0.87 2.32
CA THR A 94 6.29 2.28 2.01
C THR A 94 4.85 2.63 2.39
N MET A 95 3.86 1.83 2.04
CA MET A 95 2.47 2.04 2.40
C MET A 95 2.23 2.20 3.92
N PHE A 96 2.89 1.32 4.70
CA PHE A 96 2.81 1.40 6.17
C PHE A 96 3.52 2.64 6.67
N THR A 97 4.70 2.85 6.19
CA THR A 97 5.50 3.93 6.66
C THR A 97 4.86 5.31 6.35
N ASN A 98 4.28 5.45 5.15
CA ASN A 98 3.46 6.65 4.82
C ASN A 98 2.40 6.92 5.88
N CYS A 99 1.68 5.91 6.30
CA CYS A 99 0.64 6.13 7.27
C CYS A 99 1.20 6.65 8.59
N TYR A 100 2.31 6.08 9.02
CA TYR A 100 2.95 6.47 10.27
C TYR A 100 3.52 7.88 10.19
N ILE A 101 4.04 8.29 9.04
CA ILE A 101 4.56 9.67 8.82
C ILE A 101 3.42 10.71 8.88
N TYR A 102 2.34 10.46 8.17
CA TYR A 102 1.31 11.51 7.97
C TYR A 102 0.53 11.67 9.29
N ASN A 103 0.27 10.53 9.96
CA ASN A 103 -0.61 10.51 11.12
C ASN A 103 0.19 10.40 12.40
N LYS A 104 -0.48 10.19 13.55
CA LYS A 104 0.23 10.20 14.84
C LYS A 104 -0.06 8.92 15.58
N PRO A 105 0.80 8.56 16.52
CA PRO A 105 0.57 7.34 17.26
C PRO A 105 -0.75 7.45 17.97
N GLY A 106 -1.46 6.34 17.97
CA GLY A 106 -2.76 6.28 18.61
C GLY A 106 -3.93 6.52 17.70
N ASP A 107 -3.71 7.22 16.56
CA ASP A 107 -4.79 7.48 15.57
C ASP A 107 -5.41 6.17 15.12
N ASP A 108 -6.72 6.18 14.89
CA ASP A 108 -7.38 4.99 14.38
C ASP A 108 -6.69 4.47 13.12
N ILE A 109 -6.36 5.35 12.18
CA ILE A 109 -5.75 4.89 10.92
C ILE A 109 -4.39 4.16 11.22
N VAL A 110 -3.71 4.63 12.27
CA VAL A 110 -2.41 4.06 12.69
C VAL A 110 -2.57 2.67 13.33
N LEU A 111 -3.61 2.49 14.15
CA LEU A 111 -3.95 1.19 14.72
C LEU A 111 -4.27 0.19 13.61
N MET A 112 -4.95 0.66 12.58
CA MET A 112 -5.33 -0.17 11.46
C MET A 112 -4.09 -0.68 10.71
N ALA A 113 -3.22 0.24 10.33
CA ALA A 113 -1.99 -0.08 9.66
C ALA A 113 -1.16 -1.06 10.50
N GLU A 114 -1.05 -0.78 11.79
CA GLU A 114 -0.24 -1.60 12.69
C GLU A 114 -0.74 -3.03 12.70
N ALA A 115 -2.05 -3.17 12.75
CA ALA A 115 -2.73 -4.49 12.67
C ALA A 115 -2.47 -5.21 11.37
N LEU A 116 -2.60 -4.51 10.25
CA LEU A 116 -2.35 -5.14 8.95
C LEU A 116 -0.92 -5.53 8.81
N GLU A 117 -0.08 -4.67 9.34
CA GLU A 117 1.35 -4.90 9.26
C GLU A 117 1.80 -6.10 10.05
N LYS A 118 1.25 -6.28 11.24
CA LYS A 118 1.55 -7.49 12.05
C LYS A 118 1.19 -8.78 11.25
N LEU A 119 0.05 -8.73 10.59
CA LEU A 119 -0.43 -9.85 9.86
C LEU A 119 0.46 -10.09 8.58
N PHE A 120 0.75 -9.00 7.86
CA PHE A 120 1.60 -9.09 6.65
C PHE A 120 2.93 -9.79 7.03
N LEU A 121 3.53 -9.35 8.13
CA LEU A 121 4.75 -9.91 8.65
C LEU A 121 4.62 -11.38 9.05
N GLN A 122 3.56 -11.69 9.77
CA GLN A 122 3.24 -13.08 10.04
C GLN A 122 3.22 -13.93 8.73
N LYS A 123 2.52 -13.44 7.70
CA LYS A 123 2.40 -14.23 6.45
C LYS A 123 3.68 -14.33 5.61
N ILE A 124 4.56 -13.32 5.63
CA ILE A 124 5.74 -13.39 4.80
C ILE A 124 6.89 -14.01 5.59
N ASN A 125 6.66 -14.31 6.84
CA ASN A 125 7.65 -15.00 7.61
C ASN A 125 8.14 -16.30 6.95
N GLU A 126 7.23 -17.03 6.30
CA GLU A 126 7.64 -18.16 5.49
C GLU A 126 7.13 -18.07 4.09
N LEU A 127 8.04 -17.88 3.16
CA LEU A 127 7.73 -17.80 1.76
C LEU A 127 8.13 -19.06 1.03
N PRO A 128 7.54 -19.25 -0.14
CA PRO A 128 8.05 -20.36 -0.93
C PRO A 128 9.54 -20.19 -1.26
N THR A 129 10.11 -21.29 -1.79
CA THR A 129 11.54 -21.36 -2.09
C THR A 129 11.81 -20.91 -3.53
N ALA B 1 -4.85 19.58 7.97
CA ALA B 1 -5.95 18.58 7.86
C ALA B 1 -5.64 17.36 8.69
N THR B 2 -6.65 16.57 9.07
CA THR B 2 -6.38 15.28 9.66
C THR B 2 -7.47 14.29 9.28
N ALA B 4 -8.96 12.21 11.33
CA ALA B 4 -9.93 12.06 12.43
C ALA B 4 -9.74 13.17 13.46
N ALA B 5 -10.70 13.31 14.39
CA ALA B 5 -10.52 14.20 15.56
C ALA B 5 -9.26 13.82 16.42
N ARG B 6 -8.60 14.82 16.99
CA ARG B 6 -7.49 14.55 17.90
C ARG B 6 -8.08 13.79 19.11
N LYS B 7 -7.49 12.63 19.39
CA LYS B 7 -7.84 11.82 20.57
C LYS B 7 -7.23 12.43 21.84
#